data_8XH2
#
_entry.id   8XH2
#
_cell.length_a   51.166
_cell.length_b   51.712
_cell.length_c   196.240
_cell.angle_alpha   90.00
_cell.angle_beta   90.00
_cell.angle_gamma   90.00
#
_symmetry.space_group_name_H-M   'P 21 21 21'
#
loop_
_entity.id
_entity.type
_entity.pdbx_description
1 polymer nowGFP
2 non-polymer GLYCEROL
3 water water
#
_entity_poly.entity_id   1
_entity_poly.type   'polypeptide(L)'
_entity_poly.pdbx_seq_one_letter_code
;SVSKGEKLFTGVVPILVELDGDVNGHKFSVSGEGEGDATYGKMSLKFICTTGKLPVPWPTLKTTL(CRF)MQCFARYPDH
MKQHDFFKSAMPEGYVQERTIFFKDDGNYKTRAEVKFEGDTLVNRIELKGVDFKEDGNILGHKLEYNAISGNANITADKQ
KNGIKAYFTIRHDVEDGSVLLADHYQQNTPIGDGPVLLPDNHYLSTQSKQSKDPNEKRDHMVLLEFVTAAGIPLGADELY
K
;
_entity_poly.pdbx_strand_id   A,B
#
loop_
_chem_comp.id
_chem_comp.type
_chem_comp.name
_chem_comp.formula
GOL non-polymer GLYCEROL 'C3 H8 O3'
#
# COMPACT_ATOMS: atom_id res chain seq x y z
N SER A 3 16.67 -5.62 31.86
CA SER A 3 16.32 -7.03 31.64
C SER A 3 17.57 -7.92 31.47
N LYS A 4 17.60 -8.95 32.31
CA LYS A 4 18.20 -10.26 32.00
C LYS A 4 17.21 -10.95 31.07
N GLY A 5 16.32 -10.21 30.43
CA GLY A 5 15.64 -10.69 29.23
C GLY A 5 16.68 -11.19 28.25
N GLU A 6 17.74 -10.43 28.07
CA GLU A 6 18.77 -10.76 27.05
C GLU A 6 19.43 -12.08 27.50
N LYS A 7 19.50 -12.37 28.81
CA LYS A 7 20.22 -13.57 29.33
C LYS A 7 19.54 -14.86 28.86
N LEU A 8 18.24 -14.83 28.61
CA LEU A 8 17.46 -16.01 28.19
C LEU A 8 17.85 -16.42 26.76
N PHE A 9 18.60 -15.58 26.01
CA PHE A 9 18.90 -15.87 24.58
C PHE A 9 20.37 -16.22 24.30
N THR A 10 21.19 -16.41 25.32
CA THR A 10 22.65 -16.54 25.13
C THR A 10 22.99 -17.91 24.54
N GLY A 11 22.09 -18.88 24.61
CA GLY A 11 22.35 -20.18 23.96
C GLY A 11 21.26 -20.50 22.98
N VAL A 12 21.10 -21.80 22.70
CA VAL A 12 20.10 -22.27 21.71
C VAL A 12 18.76 -22.41 22.43
N VAL A 13 17.73 -21.78 21.88
CA VAL A 13 16.35 -21.80 22.47
C VAL A 13 15.41 -22.57 21.55
N PRO A 14 14.71 -23.59 22.07
CA PRO A 14 13.63 -24.25 21.33
C PRO A 14 12.51 -23.24 21.02
N ILE A 15 11.92 -23.41 19.84
CA ILE A 15 10.87 -22.52 19.29
C ILE A 15 9.63 -23.38 18.98
N LEU A 16 8.47 -22.86 19.36
CA LEU A 16 7.15 -23.40 18.96
C LEU A 16 6.29 -22.29 18.37
N VAL A 17 5.78 -22.53 17.15
CA VAL A 17 4.86 -21.56 16.50
C VAL A 17 3.51 -22.20 16.24
N GLU A 18 2.45 -21.44 16.52
CA GLU A 18 1.06 -21.87 16.27
C GLU A 18 0.34 -20.70 15.62
N LEU A 19 -0.28 -20.99 14.47
CA LEU A 19 -1.06 -19.99 13.71
C LEU A 19 -2.42 -20.57 13.32
N ASP A 20 -3.47 -19.80 13.66
CA ASP A 20 -4.86 -20.02 13.17
C ASP A 20 -5.17 -18.87 12.22
N GLY A 21 -5.58 -19.23 11.01
CA GLY A 21 -5.82 -18.25 9.94
C GLY A 21 -7.20 -18.41 9.33
N ASP A 22 -7.73 -17.29 8.82
CA ASP A 22 -9.01 -17.24 8.08
C ASP A 22 -8.83 -16.17 7.02
N VAL A 23 -8.73 -16.61 5.77
CA VAL A 23 -8.53 -15.68 4.62
C VAL A 23 -9.69 -15.89 3.68
N ASN A 24 -10.53 -14.85 3.55
CA ASN A 24 -11.77 -14.89 2.74
C ASN A 24 -12.62 -16.09 3.18
N GLY A 25 -12.62 -16.43 4.47
CA GLY A 25 -13.43 -17.54 5.03
C GLY A 25 -12.78 -18.90 4.87
N HIS A 26 -11.60 -18.98 4.28
CA HIS A 26 -10.84 -20.26 4.14
C HIS A 26 -9.96 -20.43 5.40
N LYS A 27 -10.39 -21.28 6.33
CA LYS A 27 -9.73 -21.44 7.63
C LYS A 27 -8.59 -22.42 7.49
N PHE A 28 -7.48 -22.17 8.19
CA PHE A 28 -6.34 -23.12 8.16
C PHE A 28 -5.54 -22.98 9.43
N SER A 29 -4.69 -23.96 9.72
CA SER A 29 -3.73 -23.85 10.85
C SER A 29 -2.33 -24.23 10.38
N VAL A 30 -1.34 -23.59 11.00
CA VAL A 30 0.10 -23.90 10.78
C VAL A 30 0.72 -24.17 12.14
N SER A 31 1.58 -25.18 12.22
CA SER A 31 2.47 -25.33 13.39
C SER A 31 3.91 -25.29 12.93
N GLY A 32 4.78 -24.77 13.75
CA GLY A 32 6.19 -24.66 13.43
C GLY A 32 7.02 -25.05 14.63
N GLU A 33 8.22 -25.53 14.34
CA GLU A 33 9.20 -25.86 15.39
C GLU A 33 10.58 -25.47 14.89
N GLY A 34 11.50 -25.34 15.84
CA GLY A 34 12.90 -25.13 15.52
C GLY A 34 13.69 -24.63 16.70
N GLU A 35 14.77 -23.95 16.38
CA GLU A 35 15.80 -23.51 17.37
C GLU A 35 16.21 -22.11 16.98
N GLY A 36 16.35 -21.24 17.99
CA GLY A 36 16.92 -19.91 17.78
C GLY A 36 18.21 -19.76 18.56
N ASP A 37 19.17 -19.11 17.92
CA ASP A 37 20.53 -18.90 18.48
C ASP A 37 20.85 -17.43 18.22
N ALA A 38 20.30 -16.55 19.06
CA ALA A 38 20.34 -15.10 18.89
C ALA A 38 21.79 -14.61 18.88
N THR A 39 22.70 -15.35 19.49
CA THR A 39 24.13 -14.96 19.50
C THR A 39 24.58 -14.76 18.06
N TYR A 40 24.05 -15.54 17.12
CA TYR A 40 24.43 -15.49 15.69
C TYR A 40 23.22 -15.02 14.84
N GLY A 41 22.20 -14.46 15.49
CA GLY A 41 20.96 -13.98 14.87
C GLY A 41 20.25 -15.08 14.07
N LYS A 42 20.39 -16.33 14.49
CA LYS A 42 20.04 -17.49 13.68
C LYS A 42 18.71 -18.12 14.12
N MET A 43 17.86 -18.44 13.16
CA MET A 43 16.70 -19.35 13.42
C MET A 43 16.67 -20.42 12.35
N SER A 44 16.48 -21.63 12.81
CA SER A 44 16.34 -22.81 11.98
C SER A 44 14.93 -23.37 12.24
N LEU A 45 14.03 -23.32 11.25
CA LEU A 45 12.60 -23.66 11.42
C LEU A 45 12.01 -24.59 10.33
N LYS A 46 10.98 -25.33 10.73
CA LYS A 46 10.10 -26.08 9.81
C LYS A 46 8.63 -25.84 10.19
N PHE A 47 7.82 -25.46 9.20
CA PHE A 47 6.38 -25.17 9.41
C PHE A 47 5.55 -26.18 8.61
N ILE A 48 4.45 -26.61 9.21
CA ILE A 48 3.50 -27.62 8.68
C ILE A 48 2.15 -26.94 8.58
N CYS A 49 1.43 -27.06 7.45
CA CYS A 49 -0.04 -26.81 7.43
C CYS A 49 -0.72 -28.05 8.01
N THR A 50 -1.40 -27.89 9.14
CA THR A 50 -1.95 -29.02 9.92
C THR A 50 -3.37 -29.34 9.44
N THR A 51 -3.94 -28.52 8.54
CA THR A 51 -5.33 -28.64 8.07
C THR A 51 -5.37 -29.09 6.60
N GLY A 52 -4.29 -29.64 6.07
CA GLY A 52 -4.19 -30.09 4.66
C GLY A 52 -3.46 -29.07 3.81
N LYS A 53 -4.13 -28.49 2.80
CA LYS A 53 -3.45 -27.57 1.84
C LYS A 53 -3.57 -26.14 2.34
N LEU A 54 -2.47 -25.40 2.34
CA LEU A 54 -2.49 -23.98 2.69
C LEU A 54 -3.23 -23.24 1.59
N PRO A 55 -4.30 -22.46 1.90
CA PRO A 55 -5.03 -21.73 0.87
C PRO A 55 -4.38 -20.43 0.36
N VAL A 56 -3.22 -20.09 0.92
CA VAL A 56 -2.42 -18.90 0.55
C VAL A 56 -0.99 -19.38 0.38
N PRO A 57 -0.16 -18.64 -0.38
CA PRO A 57 1.22 -19.05 -0.59
C PRO A 57 1.99 -18.92 0.72
N TRP A 58 2.87 -19.88 0.98
CA TRP A 58 3.82 -19.80 2.13
C TRP A 58 4.52 -18.45 2.21
N PRO A 59 5.09 -17.89 1.11
CA PRO A 59 5.79 -16.61 1.22
C PRO A 59 4.97 -15.49 1.86
N THR A 60 3.65 -15.50 1.70
CA THR A 60 2.79 -14.43 2.26
C THR A 60 2.71 -14.53 3.80
N LEU A 61 3.06 -15.69 4.37
CA LEU A 61 2.92 -15.94 5.83
C LEU A 61 4.26 -15.78 6.54
N LYS A 62 5.37 -15.69 5.80
N LYS A 62 5.37 -15.69 5.81
CA LYS A 62 6.74 -15.74 6.40
CA LYS A 62 6.74 -15.72 6.40
C LYS A 62 6.90 -14.67 7.49
C LYS A 62 6.89 -14.66 7.50
N THR A 63 6.59 -13.41 7.18
CA THR A 63 6.79 -12.28 8.12
C THR A 63 5.94 -12.50 9.37
N THR A 64 4.78 -13.18 9.26
CA THR A 64 3.83 -13.37 10.39
C THR A 64 4.38 -14.47 11.29
N LEU A 65 4.85 -15.51 10.65
CA LEU A 65 5.36 -16.72 11.38
C LEU A 65 6.69 -16.36 12.03
N1 CRF A 66 7.56 -15.64 11.38
CA1 CRF A 66 8.91 -15.27 11.93
CB1 CRF A 66 9.86 -16.18 11.16
CG1 CRF A 66 10.09 -15.65 9.80
OG1 CRF A 66 11.16 -16.01 11.58
C1 CRF A 66 9.02 -13.76 11.75
N2 CRF A 66 9.61 -13.08 10.74
N3 CRF A 66 8.38 -12.87 12.60
C2 CRF A 66 8.64 -11.59 12.17
O2 CRF A 66 8.22 -10.47 12.73
CA2 CRF A 66 9.40 -11.74 10.92
CA3 CRF A 66 7.61 -13.30 13.74
C3 CRF A 66 8.17 -13.26 15.11
O3 CRF A 66 7.41 -13.15 16.09
CB2 CRF A 66 9.95 -10.75 9.99
CG2 CRF A 66 10.66 -11.00 8.75
CD1 CRF A 66 10.97 -12.19 8.09
CD2 CRF A 66 11.04 -9.87 7.91
CE2 CRF A 66 11.72 -10.55 6.76
NE1 CRF A 66 11.62 -11.88 6.92
CE3 CRF A 66 10.93 -8.51 8.06
CZ2 CRF A 66 12.23 -9.74 5.78
CZ3 CRF A 66 11.50 -7.76 7.01
CH2 CRF A 66 12.13 -8.33 5.89
N MET A 67 9.58 -13.47 15.04
CA MET A 67 10.27 -13.74 16.36
C MET A 67 11.56 -12.91 16.35
N GLN A 68 11.36 -11.60 16.33
CA GLN A 68 12.43 -10.61 16.15
C GLN A 68 13.29 -10.61 17.43
N CYS A 69 12.81 -11.26 18.49
CA CYS A 69 13.63 -11.51 19.71
C CYS A 69 14.89 -12.31 19.37
N PHE A 70 14.93 -13.04 18.25
CA PHE A 70 16.15 -13.82 17.90
C PHE A 70 17.16 -13.01 17.08
N ALA A 71 16.96 -11.70 16.93
CA ALA A 71 17.88 -10.84 16.20
C ALA A 71 19.22 -10.81 16.95
N ARG A 72 20.29 -10.75 16.21
CA ARG A 72 21.61 -10.39 16.80
C ARG A 72 21.72 -8.86 16.89
N TYR A 73 21.73 -8.32 18.11
CA TYR A 73 22.08 -6.89 18.36
C TYR A 73 23.57 -6.81 18.62
N PRO A 74 24.36 -6.16 17.79
CA PRO A 74 25.76 -5.94 18.13
C PRO A 74 25.86 -5.24 19.49
N ASP A 75 26.97 -5.48 20.16
CA ASP A 75 27.15 -5.03 21.57
C ASP A 75 26.80 -3.53 21.66
N HIS A 76 27.27 -2.70 20.72
CA HIS A 76 27.10 -1.22 20.82
C HIS A 76 25.62 -0.81 20.72
N MET A 77 24.74 -1.74 20.32
CA MET A 77 23.29 -1.46 20.12
C MET A 77 22.41 -2.20 21.11
N LYS A 78 22.96 -2.95 22.10
CA LYS A 78 22.17 -3.83 23.01
C LYS A 78 21.07 -3.05 23.75
N GLN A 79 21.31 -1.77 24.04
CA GLN A 79 20.35 -0.89 24.77
C GLN A 79 19.11 -0.62 23.92
N HIS A 80 19.08 -1.04 22.64
CA HIS A 80 17.96 -0.78 21.72
C HIS A 80 17.14 -2.04 21.44
N ASP A 81 17.37 -3.12 22.18
CA ASP A 81 16.75 -4.45 21.99
C ASP A 81 15.50 -4.55 22.89
N PHE A 82 14.41 -3.96 22.42
CA PHE A 82 13.09 -4.02 23.07
C PHE A 82 12.66 -5.48 23.23
N PHE A 83 12.85 -6.28 22.17
CA PHE A 83 12.23 -7.60 22.02
C PHE A 83 12.69 -8.52 23.17
N LYS A 84 13.99 -8.54 23.45
CA LYS A 84 14.49 -9.43 24.51
C LYS A 84 14.17 -8.79 25.87
N SER A 85 14.14 -7.45 25.94
CA SER A 85 13.87 -6.75 27.22
C SER A 85 12.47 -7.13 27.73
N ALA A 86 11.55 -7.51 26.86
CA ALA A 86 10.16 -7.80 27.30
C ALA A 86 10.04 -9.25 27.79
N MET A 87 11.10 -10.06 27.64
CA MET A 87 11.04 -11.50 28.00
C MET A 87 11.38 -11.63 29.48
N PRO A 88 10.90 -12.66 30.19
CA PRO A 88 10.16 -13.79 29.62
C PRO A 88 8.65 -13.60 29.44
N GLU A 89 8.08 -12.54 30.03
CA GLU A 89 6.60 -12.37 30.09
C GLU A 89 6.09 -12.13 28.66
N GLY A 90 6.89 -11.46 27.83
CA GLY A 90 6.70 -11.50 26.36
C GLY A 90 6.11 -10.20 25.83
N TYR A 91 5.74 -10.26 24.57
CA TYR A 91 5.14 -9.09 23.88
C TYR A 91 4.01 -9.52 22.95
N VAL A 92 3.13 -8.55 22.69
CA VAL A 92 2.08 -8.69 21.65
C VAL A 92 2.67 -8.05 20.40
N GLN A 93 2.58 -8.75 19.28
CA GLN A 93 2.96 -8.20 17.96
C GLN A 93 1.70 -8.16 17.10
N GLU A 94 1.28 -6.96 16.70
CA GLU A 94 0.09 -6.73 15.83
C GLU A 94 0.59 -6.20 14.50
N ARG A 95 0.05 -6.70 13.38
CA ARG A 95 0.34 -6.09 12.07
C ARG A 95 -0.95 -5.91 11.27
N THR A 96 -0.91 -4.98 10.35
CA THR A 96 -1.74 -5.04 9.12
C THR A 96 -0.75 -5.11 7.95
N ILE A 97 -1.01 -6.03 7.02
CA ILE A 97 -0.22 -6.17 5.78
C ILE A 97 -1.18 -5.93 4.63
N PHE A 98 -0.89 -4.88 3.88
CA PHE A 98 -1.70 -4.47 2.71
C PHE A 98 -1.05 -4.99 1.45
N PHE A 99 -1.67 -5.96 0.78
CA PHE A 99 -1.14 -6.48 -0.50
C PHE A 99 -1.68 -5.60 -1.62
N LYS A 100 -0.79 -5.01 -2.42
CA LYS A 100 -1.15 -3.99 -3.43
C LYS A 100 -2.13 -4.63 -4.43
N ASP A 101 -3.26 -3.97 -4.60
CA ASP A 101 -4.33 -4.38 -5.56
C ASP A 101 -4.93 -5.72 -5.13
N ASP A 102 -4.88 -6.03 -3.84
CA ASP A 102 -5.43 -7.30 -3.28
C ASP A 102 -5.84 -7.08 -1.82
N GLY A 103 -6.04 -8.17 -1.09
CA GLY A 103 -6.57 -8.13 0.28
C GLY A 103 -5.53 -7.69 1.30
N ASN A 104 -5.90 -7.70 2.57
CA ASN A 104 -4.97 -7.36 3.67
C ASN A 104 -5.10 -8.47 4.71
N TYR A 105 -4.00 -8.75 5.40
CA TYR A 105 -3.97 -9.60 6.60
C TYR A 105 -3.94 -8.66 7.83
N LYS A 106 -4.69 -8.99 8.87
CA LYS A 106 -4.59 -8.42 10.23
C LYS A 106 -4.10 -9.56 11.13
N THR A 107 -2.95 -9.38 11.79
CA THR A 107 -2.36 -10.41 12.67
C THR A 107 -2.23 -9.89 14.09
N ARG A 108 -2.39 -10.82 15.02
CA ARG A 108 -2.09 -10.59 16.45
C ARG A 108 -1.38 -11.83 16.98
N ALA A 109 -0.23 -11.61 17.59
CA ALA A 109 0.61 -12.71 18.11
C ALA A 109 0.98 -12.37 19.54
N GLU A 110 1.15 -13.42 20.34
CA GLU A 110 1.81 -13.32 21.67
C GLU A 110 3.06 -14.15 21.59
N VAL A 111 4.19 -13.51 21.92
CA VAL A 111 5.53 -14.12 21.86
C VAL A 111 6.05 -14.10 23.28
N LYS A 112 6.26 -15.28 23.86
CA LYS A 112 6.64 -15.42 25.28
C LYS A 112 7.31 -16.76 25.53
N PHE A 113 7.97 -16.88 26.68
CA PHE A 113 8.55 -18.17 27.11
C PHE A 113 7.46 -18.98 27.82
N GLU A 114 7.43 -20.25 27.49
CA GLU A 114 6.77 -21.31 28.25
C GLU A 114 7.89 -22.24 28.70
N GLY A 115 8.35 -22.05 29.95
CA GLY A 115 9.59 -22.69 30.39
C GLY A 115 10.74 -22.29 29.49
N ASP A 116 11.42 -23.27 28.91
CA ASP A 116 12.64 -22.99 28.10
C ASP A 116 12.27 -22.72 26.64
N THR A 117 11.00 -22.87 26.29
CA THR A 117 10.55 -22.76 24.88
C THR A 117 10.04 -21.35 24.60
N LEU A 118 10.52 -20.77 23.50
CA LEU A 118 9.97 -19.49 22.98
C LEU A 118 8.77 -19.84 22.13
N VAL A 119 7.61 -19.34 22.53
CA VAL A 119 6.32 -19.68 21.88
C VAL A 119 5.75 -18.43 21.18
N ASN A 120 5.37 -18.63 19.92
CA ASN A 120 4.76 -17.57 19.07
C ASN A 120 3.36 -18.06 18.69
N ARG A 121 2.31 -17.55 19.35
CA ARG A 121 0.90 -17.93 19.08
C ARG A 121 0.23 -16.79 18.30
N ILE A 122 -0.33 -17.14 17.15
CA ILE A 122 -0.77 -16.13 16.15
C ILE A 122 -2.20 -16.39 15.70
N GLU A 123 -2.97 -15.32 15.55
CA GLU A 123 -4.27 -15.36 14.83
C GLU A 123 -4.16 -14.43 13.62
N LEU A 124 -4.64 -14.87 12.46
CA LEU A 124 -4.55 -14.07 11.21
C LEU A 124 -5.94 -14.03 10.56
N LYS A 125 -6.36 -12.82 10.20
CA LYS A 125 -7.66 -12.59 9.52
C LYS A 125 -7.31 -11.95 8.18
N GLY A 126 -7.64 -12.59 7.06
CA GLY A 126 -7.51 -11.92 5.76
C GLY A 126 -8.86 -11.68 5.09
N VAL A 127 -9.02 -10.51 4.46
CA VAL A 127 -10.29 -10.09 3.81
C VAL A 127 -9.95 -9.39 2.48
N ASP A 128 -10.95 -9.39 1.57
CA ASP A 128 -10.92 -8.64 0.29
C ASP A 128 -9.88 -9.23 -0.67
N PHE A 129 -9.56 -10.50 -0.56
CA PHE A 129 -8.67 -11.13 -1.56
C PHE A 129 -9.45 -11.54 -2.82
N LYS A 130 -8.72 -11.48 -3.94
CA LYS A 130 -9.16 -11.91 -5.30
C LYS A 130 -8.97 -13.42 -5.42
N GLU A 131 -10.06 -14.20 -5.58
CA GLU A 131 -9.93 -15.68 -5.73
C GLU A 131 -9.07 -15.98 -6.95
N ASP A 132 -9.12 -15.14 -7.99
CA ASP A 132 -8.30 -15.41 -9.20
C ASP A 132 -6.96 -14.64 -9.14
N GLY A 133 -6.61 -13.98 -8.03
CA GLY A 133 -5.39 -13.14 -7.96
C GLY A 133 -4.14 -13.93 -7.62
N ASN A 134 -3.01 -13.23 -7.44
CA ASN A 134 -1.68 -13.87 -7.32
C ASN A 134 -1.58 -14.64 -6.00
N ILE A 135 -2.43 -14.32 -5.02
CA ILE A 135 -2.34 -14.90 -3.66
C ILE A 135 -3.24 -16.13 -3.60
N LEU A 136 -4.55 -15.98 -3.70
CA LEU A 136 -5.47 -17.14 -3.63
C LEU A 136 -5.27 -18.04 -4.85
N GLY A 137 -4.75 -17.47 -5.95
CA GLY A 137 -4.44 -18.26 -7.17
C GLY A 137 -3.10 -18.97 -7.07
N HIS A 138 -2.27 -18.69 -6.05
CA HIS A 138 -0.98 -19.41 -5.82
C HIS A 138 -0.02 -19.16 -6.99
N LYS A 139 0.28 -17.88 -7.25
CA LYS A 139 1.05 -17.44 -8.45
C LYS A 139 2.36 -16.80 -7.99
N LEU A 140 2.77 -17.09 -6.75
CA LEU A 140 3.97 -16.44 -6.15
C LEU A 140 5.11 -17.43 -6.18
N GLU A 141 6.30 -16.92 -6.51
CA GLU A 141 7.57 -17.67 -6.42
C GLU A 141 7.78 -18.12 -4.96
N TYR A 142 8.35 -19.30 -4.78
CA TYR A 142 8.76 -19.83 -3.46
C TYR A 142 10.25 -19.57 -3.38
N ASN A 143 10.63 -18.36 -2.98
CA ASN A 143 12.05 -17.97 -3.01
C ASN A 143 12.28 -17.05 -1.81
N ALA A 144 13.55 -16.79 -1.57
CA ALA A 144 14.08 -16.25 -0.32
C ALA A 144 13.48 -14.85 -0.15
N ILE A 145 13.05 -14.48 1.04
CA ILE A 145 12.78 -13.06 1.35
C ILE A 145 13.91 -12.46 2.20
N SER A 146 14.47 -11.32 1.80
CA SER A 146 15.49 -10.61 2.64
C SER A 146 15.05 -9.14 2.72
N GLY A 147 15.63 -8.36 3.61
CA GLY A 147 15.45 -6.90 3.65
C GLY A 147 15.32 -6.41 5.06
N ASN A 148 14.86 -5.17 5.18
CA ASN A 148 14.98 -4.39 6.43
C ASN A 148 13.60 -4.18 7.02
N ALA A 149 13.50 -4.30 8.35
CA ALA A 149 12.37 -3.89 9.18
C ALA A 149 12.81 -2.67 9.99
N ASN A 150 12.19 -1.53 9.72
CA ASN A 150 12.49 -0.22 10.39
C ASN A 150 11.75 -0.19 11.73
N ILE A 151 12.48 0.07 12.80
CA ILE A 151 11.98 0.01 14.18
C ILE A 151 12.01 1.44 14.74
N THR A 152 10.97 1.79 15.47
CA THR A 152 10.91 3.10 16.13
C THR A 152 10.25 2.91 17.49
N ALA A 153 10.62 3.75 18.45
CA ALA A 153 10.01 3.72 19.79
C ALA A 153 8.54 4.17 19.66
N ASP A 154 7.70 3.61 20.50
CA ASP A 154 6.35 4.09 20.81
C ASP A 154 6.29 4.30 22.33
N LYS A 155 6.78 5.47 22.77
CA LYS A 155 6.88 5.87 24.19
C LYS A 155 5.53 5.68 24.87
N GLN A 156 4.47 6.15 24.22
CA GLN A 156 3.12 6.25 24.82
C GLN A 156 2.57 4.85 25.15
N LYS A 157 2.98 3.83 24.39
CA LYS A 157 2.50 2.44 24.53
C LYS A 157 3.60 1.55 25.15
N ASN A 158 4.71 2.18 25.60
CA ASN A 158 5.88 1.53 26.21
C ASN A 158 6.33 0.41 25.28
N GLY A 159 6.35 0.69 23.99
CA GLY A 159 6.69 -0.37 23.04
C GLY A 159 7.37 0.16 21.81
N ILE A 160 7.11 -0.52 20.69
CA ILE A 160 7.74 -0.17 19.40
C ILE A 160 6.68 -0.22 18.28
N LYS A 161 7.00 0.48 17.22
CA LYS A 161 6.34 0.33 15.90
C LYS A 161 7.39 -0.06 14.90
N ALA A 162 6.95 -0.66 13.81
CA ALA A 162 7.84 -1.10 12.73
C ALA A 162 7.10 -0.90 11.41
N TYR A 163 7.85 -0.66 10.35
CA TYR A 163 7.26 -0.57 8.98
C TYR A 163 8.29 -1.07 8.00
N PHE A 164 7.78 -1.67 6.94
CA PHE A 164 8.61 -2.18 5.84
C PHE A 164 7.67 -2.63 4.74
N THR A 165 8.22 -2.70 3.53
CA THR A 165 7.54 -3.25 2.35
C THR A 165 8.29 -4.51 1.95
N ILE A 166 7.59 -5.63 1.78
CA ILE A 166 8.12 -6.87 1.18
C ILE A 166 7.75 -6.87 -0.30
N ARG A 167 8.72 -7.27 -1.14
CA ARG A 167 8.56 -7.37 -2.61
C ARG A 167 8.46 -8.86 -2.95
N HIS A 168 7.28 -9.43 -3.05
CA HIS A 168 7.10 -10.85 -3.41
C HIS A 168 7.22 -11.02 -4.94
N ASP A 169 8.11 -11.91 -5.37
CA ASP A 169 8.26 -12.24 -6.81
C ASP A 169 7.02 -13.02 -7.23
N VAL A 170 6.44 -12.63 -8.36
CA VAL A 170 5.21 -13.25 -8.96
C VAL A 170 5.70 -14.13 -10.11
N GLU A 171 4.97 -15.19 -10.45
CA GLU A 171 5.52 -16.17 -11.41
C GLU A 171 5.58 -15.55 -12.82
N ASP A 172 4.87 -14.46 -13.11
CA ASP A 172 4.94 -13.74 -14.42
C ASP A 172 6.14 -12.77 -14.49
N GLY A 173 6.92 -12.61 -13.42
CA GLY A 173 8.08 -11.70 -13.40
C GLY A 173 7.74 -10.33 -12.80
N SER A 174 6.49 -10.05 -12.40
CA SER A 174 6.10 -8.82 -11.67
C SER A 174 6.39 -9.03 -10.19
N VAL A 175 6.23 -7.96 -9.42
CA VAL A 175 6.41 -7.93 -7.96
C VAL A 175 5.08 -7.58 -7.28
N LEU A 176 4.69 -8.34 -6.25
CA LEU A 176 3.55 -8.07 -5.36
C LEU A 176 4.10 -7.35 -4.11
N LEU A 177 3.74 -6.08 -3.95
CA LEU A 177 4.13 -5.23 -2.80
C LEU A 177 3.20 -5.53 -1.63
N ALA A 178 3.80 -5.84 -0.48
CA ALA A 178 3.10 -6.05 0.80
C ALA A 178 3.63 -5.03 1.81
N ASP A 179 2.84 -4.00 2.02
CA ASP A 179 3.14 -2.93 3.02
C ASP A 179 2.76 -3.37 4.43
N HIS A 180 3.78 -3.46 5.30
CA HIS A 180 3.63 -3.96 6.69
C HIS A 180 3.61 -2.76 7.64
N TYR A 181 2.66 -2.75 8.56
CA TYR A 181 2.51 -1.78 9.68
C TYR A 181 2.45 -2.61 10.96
N GLN A 182 3.38 -2.36 11.89
CA GLN A 182 3.60 -3.25 13.06
C GLN A 182 3.60 -2.44 14.35
N GLN A 183 3.04 -3.01 15.42
CA GLN A 183 3.00 -2.41 16.76
C GLN A 183 3.33 -3.54 17.74
N ASN A 184 4.30 -3.34 18.63
CA ASN A 184 4.58 -4.36 19.67
C ASN A 184 4.44 -3.71 21.02
N THR A 185 3.85 -4.41 21.98
CA THR A 185 3.68 -3.89 23.37
C THR A 185 4.02 -5.02 24.32
N PRO A 186 4.64 -4.66 25.46
CA PRO A 186 4.99 -5.64 26.48
C PRO A 186 3.71 -6.24 27.06
N ILE A 187 3.80 -7.51 27.44
CA ILE A 187 2.71 -8.20 28.17
C ILE A 187 2.83 -7.87 29.64
N GLY A 188 4.06 -7.85 30.16
CA GLY A 188 4.35 -7.57 31.57
C GLY A 188 4.34 -6.07 31.81
N ASP A 189 4.44 -5.62 33.05
CA ASP A 189 4.48 -4.16 33.37
C ASP A 189 5.89 -3.81 33.90
N GLY A 190 6.86 -4.73 33.79
CA GLY A 190 8.25 -4.45 34.18
C GLY A 190 8.90 -3.54 33.14
N PRO A 191 10.01 -2.86 33.43
CA PRO A 191 10.60 -1.92 32.47
C PRO A 191 11.10 -2.60 31.18
N VAL A 192 11.04 -1.90 30.06
CA VAL A 192 11.55 -2.44 28.76
C VAL A 192 12.52 -1.38 28.23
N LEU A 193 13.32 -1.76 27.24
CA LEU A 193 14.21 -0.87 26.47
C LEU A 193 13.40 -0.27 25.31
N LEU A 194 13.34 1.05 25.29
CA LEU A 194 12.68 1.77 24.16
C LEU A 194 13.78 2.28 23.26
N PRO A 195 13.88 1.79 22.03
CA PRO A 195 15.08 2.06 21.23
C PRO A 195 15.09 3.40 20.51
N ASP A 196 16.29 3.87 20.14
CA ASP A 196 16.50 4.87 19.07
C ASP A 196 16.19 4.15 17.76
N ASN A 197 15.96 4.92 16.71
CA ASN A 197 15.60 4.37 15.39
C ASN A 197 16.73 3.49 14.90
N HIS A 198 16.35 2.34 14.34
CA HIS A 198 17.30 1.39 13.73
C HIS A 198 16.51 0.43 12.83
N TYR A 199 17.16 -0.55 12.26
CA TYR A 199 16.45 -1.62 11.54
C TYR A 199 17.06 -2.99 11.83
N LEU A 200 16.24 -3.99 11.51
CA LEU A 200 16.61 -5.42 11.47
C LEU A 200 16.77 -5.82 10.04
N SER A 201 17.91 -6.38 9.74
CA SER A 201 18.31 -6.88 8.41
C SER A 201 18.15 -8.39 8.43
N THR A 202 17.24 -8.94 7.60
CA THR A 202 17.04 -10.39 7.57
C THR A 202 17.58 -10.97 6.27
N GLN A 203 18.28 -12.10 6.36
CA GLN A 203 18.74 -12.90 5.21
C GLN A 203 18.08 -14.27 5.41
N SER A 204 17.42 -14.80 4.39
CA SER A 204 16.64 -16.04 4.53
C SER A 204 16.96 -17.03 3.42
N LYS A 205 16.97 -18.33 3.76
CA LYS A 205 17.04 -19.43 2.78
C LYS A 205 15.79 -20.28 3.00
N GLN A 206 15.07 -20.59 1.95
CA GLN A 206 13.83 -21.33 2.15
C GLN A 206 13.91 -22.59 1.33
N SER A 207 13.37 -23.69 1.82
CA SER A 207 13.59 -24.99 1.16
C SER A 207 12.41 -25.93 1.46
N LYS A 208 12.45 -27.10 0.84
CA LYS A 208 11.47 -28.18 1.05
C LYS A 208 12.21 -29.35 1.70
N ASP A 209 11.50 -30.11 2.51
CA ASP A 209 11.98 -31.41 3.04
C ASP A 209 11.45 -32.46 2.07
N PRO A 210 12.35 -33.11 1.30
CA PRO A 210 11.96 -34.15 0.34
C PRO A 210 11.27 -35.38 0.94
N ASN A 211 11.41 -35.62 2.25
CA ASN A 211 10.69 -36.73 2.93
C ASN A 211 9.40 -36.27 3.61
N GLU A 212 9.00 -35.01 3.49
CA GLU A 212 7.79 -34.47 4.15
C GLU A 212 6.61 -34.46 3.17
N LYS A 213 5.51 -35.13 3.52
CA LYS A 213 4.30 -35.23 2.66
C LYS A 213 3.32 -34.09 2.92
N ARG A 214 3.34 -33.51 4.11
CA ARG A 214 2.40 -32.42 4.50
C ARG A 214 2.83 -31.14 3.78
N ASP A 215 1.91 -30.22 3.54
CA ASP A 215 2.25 -28.90 2.98
C ASP A 215 3.14 -28.22 4.01
N HIS A 216 4.31 -27.74 3.60
CA HIS A 216 5.34 -27.28 4.56
C HIS A 216 6.34 -26.31 3.96
N MET A 217 7.16 -25.78 4.84
CA MET A 217 8.18 -24.75 4.53
C MET A 217 9.33 -24.92 5.54
N VAL A 218 10.55 -24.99 5.05
CA VAL A 218 11.78 -25.02 5.88
C VAL A 218 12.49 -23.70 5.69
N LEU A 219 12.93 -23.08 6.80
CA LEU A 219 13.51 -21.73 6.76
C LEU A 219 14.82 -21.75 7.54
N LEU A 220 15.80 -21.03 7.03
CA LEU A 220 17.04 -20.72 7.76
C LEU A 220 17.16 -19.22 7.68
N GLU A 221 17.03 -18.54 8.81
CA GLU A 221 16.93 -17.07 8.88
C GLU A 221 18.12 -16.51 9.67
N PHE A 222 18.71 -15.44 9.19
CA PHE A 222 19.72 -14.65 9.95
C PHE A 222 19.20 -13.22 10.01
N VAL A 223 19.13 -12.69 11.23
CA VAL A 223 18.57 -11.34 11.53
C VAL A 223 19.57 -10.57 12.37
N THR A 224 19.94 -9.35 11.93
CA THR A 224 21.02 -8.53 12.51
C THR A 224 20.48 -7.12 12.71
N ALA A 225 20.59 -6.57 13.90
CA ALA A 225 20.26 -5.14 14.08
C ALA A 225 21.36 -4.29 13.44
N ALA A 226 20.98 -3.13 12.90
CA ALA A 226 21.85 -2.22 12.15
C ALA A 226 21.24 -0.81 12.11
N GLY A 227 21.98 0.14 11.57
CA GLY A 227 21.50 1.52 11.39
C GLY A 227 22.05 2.45 12.45
N ILE A 228 22.74 1.96 13.49
CA ILE A 228 23.46 2.84 14.47
C ILE A 228 24.95 2.53 14.38
N PRO A 229 25.79 3.48 13.96
CA PRO A 229 27.21 3.18 13.71
C PRO A 229 28.00 2.82 14.97
N LEU A 230 29.06 2.03 14.79
CA LEU A 230 30.39 2.01 15.47
C LEU A 230 30.76 0.56 15.83
N SER B 3 -22.27 7.30 -27.38
CA SER B 3 -22.88 8.62 -27.74
C SER B 3 -22.00 9.28 -28.84
N LYS B 4 -22.39 10.51 -29.17
CA LYS B 4 -21.72 11.50 -30.01
C LYS B 4 -20.48 12.06 -29.25
N GLY B 5 -20.44 11.97 -27.91
CA GLY B 5 -19.37 12.60 -27.10
C GLY B 5 -18.01 12.05 -27.50
N GLU B 6 -17.95 10.77 -27.83
CA GLU B 6 -16.72 10.10 -28.35
C GLU B 6 -16.09 10.91 -29.50
N LYS B 7 -16.92 11.40 -30.42
CA LYS B 7 -16.45 12.14 -31.62
C LYS B 7 -15.68 13.41 -31.20
N LEU B 8 -15.93 14.01 -30.02
CA LEU B 8 -15.22 15.24 -29.54
C LEU B 8 -13.73 14.99 -29.20
N PHE B 9 -13.24 13.74 -29.17
CA PHE B 9 -11.91 13.35 -28.61
C PHE B 9 -11.00 12.78 -29.73
N THR B 10 -11.48 12.74 -30.98
CA THR B 10 -10.71 12.16 -32.11
C THR B 10 -9.43 12.95 -32.37
N GLY B 11 -9.37 14.23 -32.00
CA GLY B 11 -8.16 15.04 -32.21
C GLY B 11 -7.58 15.51 -30.91
N VAL B 12 -6.66 16.45 -31.01
CA VAL B 12 -5.98 17.02 -29.83
C VAL B 12 -6.96 18.00 -29.20
N VAL B 13 -7.19 17.89 -27.89
CA VAL B 13 -8.18 18.71 -27.16
C VAL B 13 -7.45 19.56 -26.14
N PRO B 14 -7.65 20.88 -26.16
CA PRO B 14 -7.09 21.75 -25.13
C PRO B 14 -7.71 21.43 -23.78
N ILE B 15 -6.85 21.51 -22.74
CA ILE B 15 -7.25 21.18 -21.36
C ILE B 15 -7.01 22.40 -20.49
N LEU B 16 -7.97 22.62 -19.62
CA LEU B 16 -7.82 23.60 -18.54
C LEU B 16 -8.27 22.91 -17.25
N VAL B 17 -7.44 22.99 -16.20
CA VAL B 17 -7.78 22.43 -14.87
C VAL B 17 -7.75 23.57 -13.87
N GLU B 18 -8.76 23.64 -13.04
CA GLU B 18 -8.83 24.66 -11.96
C GLU B 18 -9.23 23.97 -10.66
N LEU B 19 -8.37 24.08 -9.65
CA LEU B 19 -8.59 23.49 -8.31
C LEU B 19 -8.59 24.63 -7.27
N ASP B 20 -9.69 24.69 -6.53
CA ASP B 20 -9.82 25.56 -5.32
C ASP B 20 -9.78 24.60 -4.12
N GLY B 21 -8.66 24.68 -3.39
CA GLY B 21 -8.35 23.76 -2.28
C GLY B 21 -8.46 24.48 -0.94
N ASP B 22 -8.84 23.72 0.07
CA ASP B 22 -8.93 24.17 1.47
C ASP B 22 -8.57 22.96 2.32
N VAL B 23 -7.35 22.93 2.85
CA VAL B 23 -6.92 21.81 3.71
C VAL B 23 -6.63 22.33 5.12
N ASN B 24 -7.34 21.83 6.14
CA ASN B 24 -7.24 22.40 7.49
C ASN B 24 -7.35 23.93 7.43
N GLY B 25 -8.29 24.43 6.63
CA GLY B 25 -8.49 25.89 6.51
C GLY B 25 -7.35 26.60 5.77
N HIS B 26 -6.29 25.92 5.31
CA HIS B 26 -5.25 26.53 4.43
C HIS B 26 -5.78 26.55 2.97
N LYS B 27 -6.22 27.73 2.48
CA LYS B 27 -6.71 27.90 1.08
C LYS B 27 -5.54 27.92 0.07
N PHE B 28 -5.76 27.32 -1.09
CA PHE B 28 -4.80 27.38 -2.22
C PHE B 28 -5.53 27.09 -3.50
N SER B 29 -4.93 27.49 -4.63
CA SER B 29 -5.47 27.22 -5.96
C SER B 29 -4.36 26.67 -6.84
N VAL B 30 -4.77 25.78 -7.72
CA VAL B 30 -3.89 25.18 -8.75
C VAL B 30 -4.55 25.41 -10.09
N SER B 31 -3.81 25.90 -11.08
CA SER B 31 -4.25 26.01 -12.49
C SER B 31 -3.36 25.07 -13.33
N GLY B 32 -4.01 24.29 -14.19
CA GLY B 32 -3.36 23.39 -15.15
C GLY B 32 -3.69 23.75 -16.57
N GLU B 33 -2.72 23.60 -17.46
CA GLU B 33 -2.91 23.72 -18.93
C GLU B 33 -2.19 22.57 -19.60
N GLY B 34 -2.74 22.17 -20.72
CA GLY B 34 -2.12 21.18 -21.59
C GLY B 34 -3.11 20.76 -22.68
N GLU B 35 -2.90 19.56 -23.11
CA GLU B 35 -3.56 18.98 -24.28
C GLU B 35 -3.80 17.51 -24.00
N GLY B 36 -4.94 16.98 -24.44
CA GLY B 36 -5.27 15.56 -24.36
C GLY B 36 -5.51 15.02 -25.77
N ASP B 37 -5.02 13.81 -26.02
CA ASP B 37 -5.11 13.11 -27.33
C ASP B 37 -5.57 11.70 -27.00
N ALA B 38 -6.87 11.52 -26.79
CA ALA B 38 -7.42 10.25 -26.27
C ALA B 38 -7.16 9.11 -27.25
N THR B 39 -6.96 9.44 -28.52
CA THR B 39 -6.60 8.41 -29.53
C THR B 39 -5.42 7.60 -29.00
N TYR B 40 -4.49 8.26 -28.30
CA TYR B 40 -3.28 7.65 -27.72
C TYR B 40 -3.37 7.53 -26.19
N GLY B 41 -4.51 7.84 -25.59
CA GLY B 41 -4.70 7.89 -24.13
C GLY B 41 -3.77 8.91 -23.46
N LYS B 42 -3.33 9.91 -24.19
CA LYS B 42 -2.21 10.78 -23.77
C LYS B 42 -2.73 12.12 -23.22
N MET B 43 -2.15 12.58 -22.12
CA MET B 43 -2.29 13.98 -21.64
C MET B 43 -0.90 14.52 -21.30
N SER B 44 -0.67 15.76 -21.75
CA SER B 44 0.52 16.59 -21.45
C SER B 44 0.06 17.80 -20.66
N LEU B 45 0.51 17.93 -19.43
CA LEU B 45 -0.03 18.96 -18.50
C LEU B 45 1.09 19.61 -17.71
N LYS B 46 0.89 20.88 -17.41
CA LYS B 46 1.68 21.68 -16.45
C LYS B 46 0.71 22.33 -15.46
N PHE B 47 0.96 22.08 -14.20
CA PHE B 47 0.15 22.59 -13.08
C PHE B 47 0.98 23.58 -12.27
N ILE B 48 0.34 24.66 -11.84
CA ILE B 48 1.00 25.77 -11.13
C ILE B 48 0.17 26.08 -9.90
N CYS B 49 0.84 26.20 -8.75
CA CYS B 49 0.15 26.72 -7.56
C CYS B 49 0.13 28.24 -7.72
N THR B 50 -1.03 28.81 -7.87
CA THR B 50 -1.14 30.25 -8.24
C THR B 50 -1.22 31.08 -6.96
N THR B 51 -1.28 30.44 -5.79
CA THR B 51 -1.45 31.15 -4.51
C THR B 51 -0.15 31.13 -3.69
N GLY B 52 0.99 30.76 -4.27
CA GLY B 52 2.29 30.68 -3.58
C GLY B 52 2.72 29.23 -3.39
N LYS B 53 3.19 28.86 -2.20
CA LYS B 53 3.62 27.45 -1.93
C LYS B 53 2.39 26.59 -1.74
N LEU B 54 2.39 25.42 -2.37
CA LEU B 54 1.34 24.39 -2.14
C LEU B 54 1.48 23.85 -0.72
N PRO B 55 0.41 23.91 0.10
CA PRO B 55 0.43 23.53 1.51
C PRO B 55 0.37 22.00 1.71
N VAL B 56 0.28 21.24 0.62
CA VAL B 56 0.33 19.74 0.59
C VAL B 56 1.23 19.29 -0.53
N PRO B 57 1.68 18.04 -0.51
CA PRO B 57 2.56 17.54 -1.56
C PRO B 57 1.86 17.35 -2.90
N TRP B 58 2.51 17.75 -3.98
CA TRP B 58 1.96 17.54 -5.34
C TRP B 58 1.45 16.11 -5.52
N PRO B 59 2.19 15.05 -5.13
CA PRO B 59 1.69 13.71 -5.40
C PRO B 59 0.31 13.40 -4.81
N THR B 60 -0.07 14.04 -3.69
CA THR B 60 -1.39 13.79 -3.08
C THR B 60 -2.53 14.40 -3.93
N LEU B 61 -2.23 15.31 -4.88
CA LEU B 61 -3.26 15.95 -5.72
C LEU B 61 -3.37 15.30 -7.10
N LYS B 62 -2.45 14.41 -7.50
CA LYS B 62 -2.34 13.96 -8.90
C LYS B 62 -3.67 13.34 -9.35
N THR B 63 -4.25 12.44 -8.56
CA THR B 63 -5.49 11.75 -8.95
C THR B 63 -6.62 12.76 -9.08
N THR B 64 -6.63 13.79 -8.23
CA THR B 64 -7.72 14.79 -8.25
C THR B 64 -7.61 15.65 -9.52
N LEU B 65 -6.39 16.05 -9.88
CA LEU B 65 -6.09 16.93 -11.03
C LEU B 65 -6.17 16.17 -12.38
N1 CRF B 66 -5.86 14.84 -12.34
CA1 CRF B 66 -5.97 14.04 -13.56
CB1 CRF B 66 -4.62 13.97 -14.24
CG1 CRF B 66 -3.65 13.12 -13.49
OG1 CRF B 66 -4.78 13.27 -15.43
C1 CRF B 66 -6.65 12.78 -13.10
N2 CRF B 66 -6.05 11.58 -12.81
N3 CRF B 66 -8.00 12.68 -12.92
C2 CRF B 66 -8.28 11.45 -12.54
O2 CRF B 66 -9.38 10.91 -12.19
CA2 CRF B 66 -7.02 10.76 -12.42
CA3 CRF B 66 -8.95 13.82 -13.06
C3 CRF B 66 -9.89 13.89 -14.24
O3 CRF B 66 -11.02 14.31 -14.14
CB2 CRF B 66 -6.83 9.39 -11.98
CG2 CRF B 66 -5.47 8.81 -11.86
CD1 CRF B 66 -4.23 9.45 -11.99
CD2 CRF B 66 -5.25 7.47 -11.36
CE2 CRF B 66 -3.78 7.35 -11.34
NE1 CRF B 66 -3.26 8.50 -11.71
CE3 CRF B 66 -6.01 6.41 -11.01
CZ2 CRF B 66 -3.19 6.15 -10.96
CZ3 CRF B 66 -5.35 5.22 -10.62
CH2 CRF B 66 -4.01 5.09 -10.62
N MET B 67 -9.17 13.22 -15.39
CA MET B 67 -9.82 13.48 -16.68
C MET B 67 -9.82 12.13 -17.45
N GLN B 68 -10.52 11.16 -16.87
CA GLN B 68 -10.57 9.77 -17.36
C GLN B 68 -11.26 9.73 -18.74
N CYS B 69 -11.86 10.84 -19.19
CA CYS B 69 -12.38 10.99 -20.56
C CYS B 69 -11.24 10.90 -21.59
N PHE B 70 -9.98 11.09 -21.18
CA PHE B 70 -8.82 11.02 -22.11
C PHE B 70 -8.25 9.61 -22.22
N ALA B 71 -8.84 8.63 -21.53
CA ALA B 71 -8.43 7.23 -21.60
C ALA B 71 -8.52 6.76 -23.06
N ARG B 72 -7.60 5.92 -23.48
CA ARG B 72 -7.78 5.16 -24.74
C ARG B 72 -8.62 3.92 -24.45
N TYR B 73 -9.84 3.86 -24.98
CA TYR B 73 -10.64 2.60 -25.03
C TYR B 73 -10.32 1.88 -26.32
N PRO B 74 -9.80 0.66 -26.25
CA PRO B 74 -9.66 -0.18 -27.42
C PRO B 74 -11.02 -0.26 -28.11
N ASP B 75 -10.99 -0.32 -29.42
CA ASP B 75 -12.22 -0.38 -30.26
C ASP B 75 -13.22 -1.37 -29.69
N HIS B 76 -12.78 -2.59 -29.35
CA HIS B 76 -13.72 -3.65 -28.89
C HIS B 76 -14.30 -3.30 -27.52
N MET B 77 -13.78 -2.28 -26.83
CA MET B 77 -14.31 -1.83 -25.51
C MET B 77 -15.04 -0.48 -25.61
N LYS B 78 -15.18 0.13 -26.79
CA LYS B 78 -15.75 1.51 -26.95
C LYS B 78 -17.15 1.61 -26.32
N GLN B 79 -17.94 0.54 -26.30
CA GLN B 79 -19.33 0.57 -25.76
C GLN B 79 -19.28 0.77 -24.23
N HIS B 80 -18.09 0.76 -23.60
CA HIS B 80 -17.95 0.81 -22.13
C HIS B 80 -17.37 2.16 -21.68
N ASP B 81 -17.21 3.14 -22.58
CA ASP B 81 -16.62 4.46 -22.27
C ASP B 81 -17.71 5.44 -21.81
N PHE B 82 -18.05 5.38 -20.55
CA PHE B 82 -18.99 6.32 -19.91
C PHE B 82 -18.50 7.75 -20.06
N PHE B 83 -17.21 7.97 -19.79
CA PHE B 83 -16.64 9.32 -19.60
C PHE B 83 -16.87 10.16 -20.86
N LYS B 84 -16.56 9.63 -22.05
CA LYS B 84 -16.76 10.41 -23.30
C LYS B 84 -18.27 10.47 -23.63
N SER B 85 -19.06 9.45 -23.28
CA SER B 85 -20.50 9.40 -23.62
C SER B 85 -21.26 10.58 -22.96
N ALA B 86 -20.73 11.13 -21.88
CA ALA B 86 -21.38 12.21 -21.10
C ALA B 86 -21.11 13.58 -21.69
N MET B 87 -20.22 13.66 -22.67
CA MET B 87 -19.73 14.94 -23.26
C MET B 87 -20.68 15.33 -24.38
N PRO B 88 -20.86 16.64 -24.65
CA PRO B 88 -20.10 17.71 -23.97
C PRO B 88 -20.60 18.26 -22.62
N GLU B 89 -21.80 17.92 -22.15
CA GLU B 89 -22.41 18.56 -20.94
C GLU B 89 -21.58 18.13 -19.73
N GLY B 90 -21.00 16.95 -19.80
CA GLY B 90 -19.98 16.53 -18.85
C GLY B 90 -20.50 15.64 -17.74
N TYR B 91 -19.61 15.36 -16.80
CA TYR B 91 -19.95 14.62 -15.58
C TYR B 91 -19.37 15.29 -14.34
N VAL B 92 -20.04 15.00 -13.23
CA VAL B 92 -19.54 15.29 -11.87
C VAL B 92 -18.67 14.11 -11.44
N GLN B 93 -17.47 14.40 -10.94
CA GLN B 93 -16.57 13.38 -10.36
C GLN B 93 -16.39 13.74 -8.89
N GLU B 94 -16.84 12.85 -8.01
CA GLU B 94 -16.70 13.02 -6.55
C GLU B 94 -15.80 11.93 -5.99
N ARG B 95 -14.92 12.31 -5.06
CA ARG B 95 -14.10 11.34 -4.30
C ARG B 95 -14.06 11.67 -2.82
N THR B 96 -13.90 10.61 -2.02
CA THR B 96 -13.27 10.65 -0.70
C THR B 96 -11.94 9.90 -0.83
N ILE B 97 -10.88 10.59 -0.42
CA ILE B 97 -9.52 10.02 -0.31
C ILE B 97 -9.15 9.98 1.17
N PHE B 98 -8.99 8.78 1.70
CA PHE B 98 -8.60 8.53 3.11
C PHE B 98 -7.08 8.28 3.14
N PHE B 99 -6.31 9.23 3.65
CA PHE B 99 -4.87 9.06 3.94
C PHE B 99 -4.79 8.33 5.28
N LYS B 100 -4.12 7.17 5.26
CA LYS B 100 -4.05 6.29 6.43
C LYS B 100 -3.33 7.03 7.57
N ASP B 101 -3.93 7.07 8.75
CA ASP B 101 -3.32 7.66 9.97
C ASP B 101 -3.29 9.16 9.78
N ASP B 102 -3.99 9.72 8.78
CA ASP B 102 -3.98 11.19 8.53
C ASP B 102 -5.40 11.64 8.14
N GLY B 103 -5.47 12.78 7.49
CA GLY B 103 -6.74 13.40 7.09
C GLY B 103 -7.34 12.74 5.87
N ASN B 104 -8.40 13.37 5.40
CA ASN B 104 -9.10 12.97 4.17
C ASN B 104 -9.34 14.17 3.28
N TYR B 105 -9.33 13.92 1.97
CA TYR B 105 -9.79 14.88 0.94
C TYR B 105 -11.19 14.46 0.55
N LYS B 106 -12.09 15.42 0.45
CA LYS B 106 -13.38 15.24 -0.25
C LYS B 106 -13.33 16.16 -1.48
N THR B 107 -13.47 15.60 -2.67
CA THR B 107 -13.39 16.39 -3.93
C THR B 107 -14.70 16.35 -4.71
N ARG B 108 -15.07 17.48 -5.32
CA ARG B 108 -16.18 17.54 -6.28
C ARG B 108 -15.66 18.28 -7.49
N ALA B 109 -15.68 17.60 -8.64
CA ALA B 109 -15.22 18.18 -9.92
C ALA B 109 -16.36 18.13 -10.93
N GLU B 110 -16.37 19.11 -11.81
CA GLU B 110 -17.19 19.10 -13.04
C GLU B 110 -16.19 19.03 -14.18
N VAL B 111 -16.34 18.00 -15.00
CA VAL B 111 -15.49 17.77 -16.19
C VAL B 111 -16.40 17.92 -17.39
N LYS B 112 -16.15 18.94 -18.22
CA LYS B 112 -17.15 19.28 -19.28
C LYS B 112 -16.41 20.13 -20.29
N PHE B 113 -17.00 20.27 -21.47
CA PHE B 113 -16.50 21.23 -22.49
C PHE B 113 -16.98 22.63 -22.14
N GLU B 114 -16.05 23.57 -22.13
CA GLU B 114 -16.39 25.01 -22.30
C GLU B 114 -15.84 25.42 -23.65
N GLY B 115 -16.74 25.65 -24.61
CA GLY B 115 -16.28 25.84 -25.99
C GLY B 115 -15.57 24.57 -26.40
N ASP B 116 -14.39 24.64 -27.06
CA ASP B 116 -13.76 23.38 -27.55
C ASP B 116 -12.62 22.98 -26.58
N THR B 117 -12.71 23.47 -25.36
CA THR B 117 -11.76 23.15 -24.28
C THR B 117 -12.41 22.20 -23.26
N LEU B 118 -11.71 21.14 -22.90
CA LEU B 118 -12.09 20.23 -21.81
C LEU B 118 -11.61 20.87 -20.50
N VAL B 119 -12.56 21.13 -19.63
CA VAL B 119 -12.33 21.83 -18.35
C VAL B 119 -12.58 20.86 -17.21
N ASN B 120 -11.61 20.74 -16.29
CA ASN B 120 -11.76 20.03 -15.01
C ASN B 120 -11.75 21.08 -13.89
N ARG B 121 -12.92 21.45 -13.39
CA ARG B 121 -13.12 22.44 -12.29
C ARG B 121 -13.36 21.67 -11.00
N ILE B 122 -12.48 21.85 -10.03
CA ILE B 122 -12.41 21.03 -8.80
C ILE B 122 -12.49 21.93 -7.55
N GLU B 123 -13.29 21.47 -6.59
CA GLU B 123 -13.31 21.93 -5.19
C GLU B 123 -12.78 20.80 -4.35
N LEU B 124 -11.77 21.08 -3.52
CA LEU B 124 -11.17 20.07 -2.60
C LEU B 124 -11.24 20.66 -1.19
N LYS B 125 -11.71 19.82 -0.28
CA LYS B 125 -11.82 20.07 1.17
C LYS B 125 -11.01 18.97 1.90
N GLY B 126 -9.94 19.34 2.60
CA GLY B 126 -9.20 18.38 3.45
C GLY B 126 -9.39 18.76 4.91
N VAL B 127 -9.72 17.79 5.76
CA VAL B 127 -9.96 17.95 7.21
C VAL B 127 -9.09 16.92 7.96
N ASP B 128 -8.77 17.22 9.21
CA ASP B 128 -8.19 16.30 10.23
C ASP B 128 -6.76 15.90 9.83
N PHE B 129 -6.01 16.76 9.14
CA PHE B 129 -4.57 16.49 8.81
C PHE B 129 -3.67 16.92 9.96
N LYS B 130 -2.64 16.13 10.19
CA LYS B 130 -1.62 16.32 11.25
C LYS B 130 -0.64 17.39 10.79
N GLU B 131 -0.43 18.41 11.62
CA GLU B 131 0.23 19.67 11.16
C GLU B 131 1.73 19.38 10.95
N ASP B 132 2.23 18.30 11.54
CA ASP B 132 3.67 17.93 11.50
C ASP B 132 3.78 16.59 10.80
N GLY B 133 2.66 16.05 10.27
CA GLY B 133 2.62 14.71 9.62
C GLY B 133 3.26 14.72 8.24
N ASN B 134 3.17 13.61 7.52
CA ASN B 134 3.93 13.45 6.27
C ASN B 134 3.33 14.29 5.15
N ILE B 135 2.07 14.72 5.30
CA ILE B 135 1.37 15.51 4.27
C ILE B 135 1.63 16.99 4.51
N LEU B 136 1.08 17.59 5.58
CA LEU B 136 1.28 19.04 5.88
C LEU B 136 2.78 19.30 6.13
N GLY B 137 3.53 18.27 6.50
CA GLY B 137 4.98 18.39 6.71
C GLY B 137 5.79 18.21 5.45
N HIS B 138 5.17 17.85 4.31
CA HIS B 138 5.90 17.68 3.01
C HIS B 138 7.05 16.67 3.17
N LYS B 139 6.72 15.44 3.58
CA LYS B 139 7.71 14.37 3.82
C LYS B 139 7.58 13.31 2.75
N LEU B 140 6.83 13.58 1.68
CA LEU B 140 6.55 12.55 0.64
C LEU B 140 7.59 12.65 -0.47
N GLU B 141 7.98 11.49 -1.05
CA GLU B 141 8.82 11.47 -2.28
C GLU B 141 7.98 11.98 -3.47
N TYR B 142 8.62 12.75 -4.34
CA TYR B 142 8.06 13.30 -5.59
C TYR B 142 8.30 12.26 -6.68
N ASN B 143 7.60 11.13 -6.59
CA ASN B 143 7.59 10.05 -7.59
C ASN B 143 6.26 10.07 -8.34
N ALA B 144 6.28 9.56 -9.58
CA ALA B 144 5.13 9.37 -10.49
C ALA B 144 4.23 8.24 -9.97
N ILE B 145 2.94 8.50 -10.07
CA ILE B 145 1.83 7.62 -9.63
C ILE B 145 1.24 6.94 -10.86
N SER B 146 1.51 5.65 -10.96
CA SER B 146 1.02 4.77 -12.03
C SER B 146 0.12 3.73 -11.38
N GLY B 147 -0.85 3.20 -12.09
CA GLY B 147 -1.61 2.05 -11.61
C GLY B 147 -3.01 1.98 -12.17
N ASN B 148 -3.83 1.16 -11.54
CA ASN B 148 -5.14 0.70 -12.03
C ASN B 148 -6.24 1.39 -11.24
N ALA B 149 -7.27 1.90 -11.92
CA ALA B 149 -8.57 2.32 -11.35
C ALA B 149 -9.64 1.33 -11.83
N ASN B 150 -10.26 0.64 -10.91
CA ASN B 150 -11.34 -0.33 -11.21
C ASN B 150 -12.65 0.39 -11.37
N ILE B 151 -13.30 0.21 -12.52
CA ILE B 151 -14.54 0.96 -12.87
C ILE B 151 -15.69 -0.03 -12.82
N THR B 152 -16.79 0.39 -12.23
CA THR B 152 -18.00 -0.43 -12.15
C THR B 152 -19.20 0.46 -12.51
N ALA B 153 -20.24 -0.10 -13.13
CA ALA B 153 -21.48 0.67 -13.42
C ALA B 153 -22.21 1.01 -12.10
N ASP B 154 -22.75 2.21 -12.03
CA ASP B 154 -23.68 2.64 -10.96
C ASP B 154 -25.02 2.92 -11.64
N LYS B 155 -25.76 1.85 -11.97
CA LYS B 155 -27.03 1.89 -12.74
C LYS B 155 -28.03 2.87 -12.09
N GLN B 156 -28.14 2.86 -10.76
CA GLN B 156 -29.13 3.68 -10.00
C GLN B 156 -28.80 5.18 -10.12
N LYS B 157 -27.53 5.55 -10.33
CA LYS B 157 -27.08 6.97 -10.46
C LYS B 157 -26.82 7.32 -11.95
N ASN B 158 -27.04 6.37 -12.84
CA ASN B 158 -26.81 6.55 -14.29
C ASN B 158 -25.35 6.94 -14.54
N GLY B 159 -24.42 6.35 -13.79
CA GLY B 159 -23.00 6.67 -13.95
C GLY B 159 -22.13 5.51 -13.55
N ILE B 160 -20.97 5.82 -12.99
CA ILE B 160 -19.95 4.82 -12.62
C ILE B 160 -19.43 5.08 -11.20
N LYS B 161 -18.82 4.06 -10.64
CA LYS B 161 -18.05 4.13 -9.39
C LYS B 161 -16.67 3.56 -9.67
N ALA B 162 -15.71 3.97 -8.86
CA ALA B 162 -14.31 3.49 -8.91
C ALA B 162 -13.77 3.39 -7.48
N TYR B 163 -12.89 2.43 -7.26
CA TYR B 163 -12.14 2.33 -5.99
C TYR B 163 -10.72 1.96 -6.41
N PHE B 164 -9.75 2.36 -5.57
CA PHE B 164 -8.33 2.06 -5.81
C PHE B 164 -7.58 2.73 -4.67
N THR B 165 -6.39 2.20 -4.42
CA THR B 165 -5.44 2.72 -3.43
C THR B 165 -4.21 3.19 -4.17
N ILE B 166 -3.73 4.36 -3.79
CA ILE B 166 -2.43 4.92 -4.22
C ILE B 166 -1.44 4.75 -3.05
N ARG B 167 -0.26 4.28 -3.38
CA ARG B 167 0.86 4.13 -2.42
C ARG B 167 1.75 5.34 -2.58
N HIS B 168 1.87 6.19 -1.56
CA HIS B 168 2.82 7.34 -1.59
C HIS B 168 4.07 6.97 -0.76
N ASP B 169 5.25 6.94 -1.38
CA ASP B 169 6.51 6.70 -0.60
C ASP B 169 6.77 7.89 0.31
N VAL B 170 7.17 7.61 1.53
CA VAL B 170 7.58 8.65 2.52
C VAL B 170 9.11 8.63 2.57
N GLU B 171 9.70 9.78 2.80
CA GLU B 171 11.19 9.90 2.74
C GLU B 171 11.90 9.02 3.81
N ASP B 172 11.19 8.56 4.86
CA ASP B 172 11.75 7.65 5.89
C ASP B 172 11.59 6.17 5.47
N GLY B 173 11.03 5.87 4.28
CA GLY B 173 10.82 4.49 3.78
C GLY B 173 9.46 3.92 4.17
N SER B 174 8.63 4.65 4.94
CA SER B 174 7.23 4.25 5.22
C SER B 174 6.40 4.49 3.94
N VAL B 175 5.18 3.99 3.95
CA VAL B 175 4.25 4.12 2.82
C VAL B 175 2.96 4.73 3.31
N LEU B 176 2.55 5.81 2.64
CA LEU B 176 1.25 6.42 2.93
C LEU B 176 0.25 5.84 1.93
N LEU B 177 -0.77 5.14 2.42
CA LEU B 177 -1.86 4.58 1.59
C LEU B 177 -3.00 5.59 1.53
N ALA B 178 -3.40 5.89 0.30
CA ALA B 178 -4.51 6.81 -0.04
C ALA B 178 -5.62 5.98 -0.73
N ASP B 179 -6.66 5.70 0.04
CA ASP B 179 -7.79 4.84 -0.36
C ASP B 179 -8.80 5.78 -0.98
N HIS B 180 -9.06 5.57 -2.27
CA HIS B 180 -9.92 6.41 -3.13
C HIS B 180 -11.29 5.72 -3.32
N TYR B 181 -12.38 6.46 -3.06
CA TYR B 181 -13.78 6.07 -3.34
C TYR B 181 -14.30 7.13 -4.31
N GLN B 182 -14.79 6.70 -5.48
CA GLN B 182 -15.11 7.63 -6.57
C GLN B 182 -16.52 7.31 -7.10
N GLN B 183 -17.32 8.37 -7.37
CA GLN B 183 -18.69 8.29 -7.93
C GLN B 183 -18.78 9.32 -9.07
N ASN B 184 -19.18 8.91 -10.28
CA ASN B 184 -19.29 9.84 -11.41
C ASN B 184 -20.75 9.86 -11.85
N THR B 185 -21.31 11.04 -12.14
CA THR B 185 -22.73 11.15 -12.62
C THR B 185 -22.84 12.21 -13.69
N PRO B 186 -23.65 11.95 -14.73
CA PRO B 186 -23.83 12.89 -15.83
C PRO B 186 -24.37 14.21 -15.33
N ILE B 187 -23.91 15.29 -15.91
CA ILE B 187 -24.49 16.63 -15.68
C ILE B 187 -25.73 16.81 -16.54
N GLY B 188 -25.69 16.41 -17.81
CA GLY B 188 -26.85 16.53 -18.71
C GLY B 188 -27.80 15.35 -18.57
N ASP B 189 -28.88 15.35 -19.31
CA ASP B 189 -29.72 14.12 -19.29
C ASP B 189 -29.77 13.56 -20.71
N GLY B 190 -28.69 13.71 -21.50
CA GLY B 190 -28.45 12.97 -22.76
C GLY B 190 -28.16 11.50 -22.46
N PRO B 191 -28.06 10.63 -23.48
CA PRO B 191 -27.79 9.19 -23.28
C PRO B 191 -26.33 8.97 -22.90
N VAL B 192 -26.07 8.01 -21.99
CA VAL B 192 -24.69 7.65 -21.57
C VAL B 192 -24.48 6.13 -21.76
N LEU B 193 -23.26 5.70 -21.78
CA LEU B 193 -22.87 4.27 -21.82
C LEU B 193 -22.56 3.83 -20.40
N LEU B 194 -23.26 2.82 -19.91
CA LEU B 194 -22.96 2.23 -18.57
C LEU B 194 -22.14 0.99 -18.81
N PRO B 195 -20.91 0.96 -18.29
CA PRO B 195 -19.97 -0.11 -18.63
C PRO B 195 -20.12 -1.41 -17.84
N ASP B 196 -19.69 -2.50 -18.46
CA ASP B 196 -19.31 -3.73 -17.73
C ASP B 196 -18.04 -3.42 -16.96
N ASN B 197 -17.74 -4.28 -16.01
CA ASN B 197 -16.56 -4.09 -15.12
C ASN B 197 -15.30 -4.03 -15.99
N HIS B 198 -14.43 -3.06 -15.72
CA HIS B 198 -13.11 -2.98 -16.38
C HIS B 198 -12.21 -2.11 -15.50
N TYR B 199 -11.04 -1.80 -16.01
CA TYR B 199 -10.11 -0.89 -15.31
C TYR B 199 -9.42 0.02 -16.32
N LEU B 200 -8.91 1.12 -15.79
CA LEU B 200 -8.06 2.05 -16.53
C LEU B 200 -6.67 1.88 -15.92
N SER B 201 -5.71 1.76 -16.79
CA SER B 201 -4.28 1.60 -16.50
C SER B 201 -3.61 2.94 -16.78
N THR B 202 -3.06 3.59 -15.76
CA THR B 202 -2.33 4.86 -15.94
C THR B 202 -0.82 4.67 -15.72
N GLN B 203 -0.05 5.16 -16.69
CA GLN B 203 1.44 5.27 -16.69
C GLN B 203 1.76 6.76 -16.66
N SER B 204 2.37 7.24 -15.59
CA SER B 204 2.59 8.70 -15.36
C SER B 204 4.09 8.98 -15.27
N LYS B 205 4.55 10.07 -15.87
CA LYS B 205 5.93 10.61 -15.72
C LYS B 205 5.81 12.03 -15.16
N GLN B 206 6.44 12.31 -14.01
CA GLN B 206 6.38 13.58 -13.27
C GLN B 206 7.69 14.28 -13.54
N SER B 207 7.74 15.58 -13.77
CA SER B 207 9.02 16.31 -13.95
C SER B 207 8.81 17.73 -13.44
N LYS B 208 9.88 18.52 -13.49
CA LYS B 208 9.88 19.96 -13.17
C LYS B 208 10.36 20.70 -14.43
N ASP B 209 9.82 21.89 -14.63
CA ASP B 209 10.29 22.90 -15.60
C ASP B 209 11.48 23.61 -14.97
N PRO B 210 12.71 23.44 -15.48
CA PRO B 210 13.86 24.09 -14.88
C PRO B 210 13.75 25.62 -14.80
N ASN B 211 12.96 26.24 -15.69
CA ASN B 211 12.84 27.71 -15.82
C ASN B 211 11.67 28.26 -14.99
N GLU B 212 10.94 27.41 -14.29
CA GLU B 212 9.71 27.86 -13.63
C GLU B 212 10.02 28.06 -12.15
N LYS B 213 9.85 29.27 -11.62
CA LYS B 213 10.16 29.60 -10.20
C LYS B 213 8.98 29.21 -9.33
N ARG B 214 7.77 29.20 -9.91
CA ARG B 214 6.54 28.93 -9.15
C ARG B 214 6.49 27.45 -8.78
N ASP B 215 5.84 27.16 -7.67
CA ASP B 215 5.60 25.76 -7.25
C ASP B 215 4.74 25.09 -8.33
N HIS B 216 5.20 24.01 -8.93
CA HIS B 216 4.52 23.45 -10.13
C HIS B 216 4.80 21.95 -10.26
N MET B 217 4.06 21.30 -11.16
CA MET B 217 4.19 19.87 -11.48
C MET B 217 3.99 19.73 -12.98
N VAL B 218 4.88 19.05 -13.67
CA VAL B 218 4.71 18.75 -15.11
C VAL B 218 4.40 17.27 -15.21
N LEU B 219 3.38 16.89 -15.98
CA LEU B 219 2.92 15.50 -16.07
C LEU B 219 2.85 15.06 -17.54
N LEU B 220 3.23 13.84 -17.81
CA LEU B 220 2.94 13.14 -19.08
C LEU B 220 2.27 11.83 -18.69
N GLU B 221 1.00 11.69 -19.01
CA GLU B 221 0.19 10.52 -18.61
C GLU B 221 -0.27 9.75 -19.86
N PHE B 222 -0.21 8.43 -19.77
CA PHE B 222 -0.82 7.46 -20.72
C PHE B 222 -1.87 6.65 -19.97
N VAL B 223 -3.13 6.77 -20.37
CA VAL B 223 -4.24 6.05 -19.72
C VAL B 223 -4.89 5.12 -20.74
N THR B 224 -5.06 3.84 -20.39
CA THR B 224 -5.60 2.83 -21.32
C THR B 224 -6.68 2.00 -20.61
N ALA B 225 -7.85 1.80 -21.24
CA ALA B 225 -8.85 0.90 -20.68
C ALA B 225 -8.39 -0.55 -20.95
N ALA B 226 -8.71 -1.45 -20.03
CA ALA B 226 -8.33 -2.88 -20.11
C ALA B 226 -9.32 -3.72 -19.29
N GLY B 227 -9.29 -5.04 -19.50
CA GLY B 227 -9.95 -6.04 -18.64
C GLY B 227 -11.17 -6.65 -19.29
N ILE B 228 -11.50 -6.34 -20.56
CA ILE B 228 -12.56 -7.03 -21.37
C ILE B 228 -11.88 -7.55 -22.63
N PRO B 229 -11.82 -8.87 -22.92
CA PRO B 229 -11.16 -9.37 -24.14
C PRO B 229 -12.07 -9.59 -25.36
N LEU B 230 -11.58 -10.23 -26.42
CA LEU B 230 -12.20 -10.38 -27.78
C LEU B 230 -11.75 -9.19 -28.63
C1 GOL C . -2.23 -9.52 -6.21
O1 GOL C . -2.49 -10.73 -5.51
C2 GOL C . -3.30 -9.27 -7.22
O2 GOL C . -3.30 -10.33 -8.16
C3 GOL C . -3.15 -7.94 -7.95
O3 GOL C . -4.22 -7.75 -8.87
C1 GOL D . -2.71 -15.56 21.67
O1 GOL D . -2.68 -16.94 22.07
C2 GOL D . -3.32 -15.43 20.30
O2 GOL D . -4.73 -15.65 20.43
C3 GOL D . -2.99 -14.11 19.60
O3 GOL D . -4.02 -13.13 19.68
#